data_4HV3
#
_entry.id   4HV3
#
_cell.length_a   67.827
_cell.length_b   67.827
_cell.length_c   140.673
_cell.angle_alpha   90.00
_cell.angle_beta   90.00
_cell.angle_gamma   90.00
#
_symmetry.space_group_name_H-M   'P 41 21 2'
#
loop_
_entity.id
_entity.type
_entity.pdbx_description
1 polymer Ricin
2 non-polymer '(2S)-2-[[(2S)-2-[(2-azanyl-4-oxidanylidene-1H-pteridin-7-yl)carbonylamino]-3-oxidanyl-propanoyl]amino]-3-(1H-indol-3-yl)propanoic acid'
3 non-polymer 'SULFATE ION'
4 non-polymer 'MALONIC ACID'
5 water water
#
_entity_poly.entity_id   1
_entity_poly.type   'polypeptide(L)'
_entity_poly.pdbx_seq_one_letter_code
;MIFPKQYPIINFTTAGATVQSYTNFIRAVRGRLTTGADVRHEIPVLPNRVGLPINQRFILVELSNHAELSVTLALDVTNA
YVVGYRAGNSAYFFHPDNQEDAEAITHLFTDVQNRYTFAFGGNYDRLEQLAGNLRENIELGNGPLEEAISALYYYSTGGT
QLPTLARSFIICIQMISEAARFQYIEGEMRTRIRYNRRSAPDPSVITLENSWGRLSTAIQESNQGAFASPIQLQRRNGSK
FSVYDVSILIPIIALMVYRCAPPPSSQF
;
_entity_poly.pdbx_strand_id   A
#
# COMPACT_ATOMS: atom_id res chain seq x y z
N MET A 1 24.27 -21.52 -2.38
CA MET A 1 23.82 -20.59 -3.46
C MET A 1 22.59 -19.76 -3.07
N ILE A 2 22.72 -18.43 -3.22
CA ILE A 2 21.62 -17.47 -3.03
C ILE A 2 21.49 -16.62 -4.33
N PHE A 3 20.31 -16.66 -4.98
CA PHE A 3 20.06 -16.04 -6.30
C PHE A 3 20.39 -14.51 -6.31
N PRO A 4 21.15 -14.01 -7.32
CA PRO A 4 21.74 -12.63 -7.47
C PRO A 4 20.96 -11.35 -7.01
N LYS A 5 21.60 -10.53 -6.15
CA LYS A 5 20.96 -9.43 -5.39
C LYS A 5 20.02 -9.92 -4.27
N GLN A 6 18.76 -9.45 -4.20
CA GLN A 6 18.01 -9.55 -2.94
C GLN A 6 17.05 -8.35 -2.81
N TYR A 7 15.72 -8.55 -2.63
CA TYR A 7 14.87 -7.32 -2.59
C TYR A 7 15.16 -6.47 -1.36
N PRO A 8 15.01 -5.16 -1.48
CA PRO A 8 15.27 -4.20 -0.37
C PRO A 8 14.26 -4.44 0.77
N ILE A 9 14.70 -4.19 1.99
CA ILE A 9 13.87 -4.42 3.22
C ILE A 9 13.83 -3.04 3.87
N ILE A 10 12.63 -2.61 4.26
CA ILE A 10 12.43 -1.45 5.11
C ILE A 10 11.76 -1.93 6.43
N ASN A 11 12.32 -1.50 7.57
CA ASN A 11 11.83 -1.95 8.90
C ASN A 11 10.93 -0.91 9.49
N PHE A 12 9.87 -1.34 10.13
CA PHE A 12 9.08 -0.45 11.03
C PHE A 12 8.57 -1.18 12.26
N THR A 13 8.61 -0.55 13.44
CA THR A 13 7.93 -1.14 14.55
C THR A 13 6.82 -0.22 15.09
N THR A 14 5.79 -0.88 15.51
CA THR A 14 4.70 -0.17 16.23
C THR A 14 5.08 0.12 17.67
N ALA A 15 6.08 -0.61 18.20
CA ALA A 15 6.45 -0.40 19.60
C ALA A 15 7.11 0.98 19.76
N GLY A 16 6.46 1.80 20.59
CA GLY A 16 6.90 3.16 20.83
C GLY A 16 6.96 4.06 19.58
N ALA A 17 6.09 3.72 18.62
CA ALA A 17 6.12 4.49 17.39
C ALA A 17 5.73 5.96 17.64
N THR A 18 6.33 6.79 16.84
CA THR A 18 6.05 8.25 16.92
C THR A 18 5.75 8.79 15.52
N VAL A 19 5.25 10.04 15.46
CA VAL A 19 5.10 10.66 14.13
C VAL A 19 6.39 10.59 13.34
N GLN A 20 7.52 10.91 13.98
CA GLN A 20 8.79 10.93 13.24
C GLN A 20 9.22 9.54 12.76
N SER A 21 9.01 8.47 13.63
CA SER A 21 9.46 7.20 13.14
C SER A 21 8.54 6.65 12.00
N TYR A 22 7.25 6.97 12.10
CA TYR A 22 6.32 6.57 11.03
C TYR A 22 6.62 7.36 9.74
N THR A 23 6.87 8.67 9.85
CA THR A 23 7.24 9.49 8.66
C THR A 23 8.50 8.92 8.03
N ASN A 24 9.54 8.59 8.86
CA ASN A 24 10.74 8.05 8.27
C ASN A 24 10.48 6.76 7.51
N PHE A 25 9.59 5.87 8.05
CA PHE A 25 9.26 4.65 7.42
C PHE A 25 8.58 4.92 6.05
N ILE A 26 7.51 5.69 6.10
CA ILE A 26 6.80 5.92 4.80
C ILE A 26 7.72 6.58 3.74
N ARG A 27 8.56 7.55 4.17
CA ARG A 27 9.52 8.13 3.21
C ARG A 27 10.48 7.09 2.63
N ALA A 28 10.91 6.16 3.51
CA ALA A 28 11.77 5.11 3.01
C ALA A 28 11.04 4.19 2.02
N VAL A 29 9.74 3.85 2.30
CA VAL A 29 9.02 2.98 1.38
C VAL A 29 8.88 3.71 0.05
N ARG A 30 8.51 4.99 0.05
CA ARG A 30 8.42 5.69 -1.23
C ARG A 30 9.72 5.67 -2.01
N GLY A 31 10.80 5.83 -1.26
CA GLY A 31 12.12 5.91 -1.92
C GLY A 31 12.48 4.59 -2.57
N ARG A 32 12.00 3.44 -2.07
CA ARG A 32 12.26 2.16 -2.69
C ARG A 32 11.26 1.81 -3.74
N LEU A 33 10.07 2.42 -3.72
CA LEU A 33 9.08 2.18 -4.76
C LEU A 33 9.40 2.91 -6.05
N THR A 34 9.87 4.13 -5.96
CA THR A 34 10.14 4.94 -7.20
C THR A 34 11.61 5.00 -7.51
N THR A 35 11.91 5.29 -8.77
CA THR A 35 13.31 5.26 -9.26
C THR A 35 13.77 6.65 -9.63
N GLY A 36 12.86 7.59 -9.70
CA GLY A 36 13.25 8.93 -10.18
C GLY A 36 13.16 9.10 -11.70
N ALA A 37 12.88 8.03 -12.42
CA ALA A 37 12.82 8.02 -13.90
C ALA A 37 11.61 8.77 -14.34
N ASP A 38 10.55 8.91 -13.50
CA ASP A 38 9.23 9.29 -14.08
C ASP A 38 8.56 10.19 -13.12
N VAL A 39 8.49 11.46 -13.43
CA VAL A 39 7.88 12.45 -12.51
C VAL A 39 7.04 13.36 -13.37
N ARG A 40 5.73 13.48 -13.11
CA ARG A 40 4.86 14.30 -13.99
C ARG A 40 4.11 15.29 -13.14
N HIS A 41 4.17 16.59 -13.50
CA HIS A 41 3.62 17.59 -12.60
C HIS A 41 4.11 17.52 -11.16
N GLU A 42 5.40 17.20 -10.96
CA GLU A 42 6.01 17.08 -9.73
C GLU A 42 5.61 15.83 -8.92
N ILE A 43 4.81 14.98 -9.56
CA ILE A 43 4.31 13.75 -8.85
C ILE A 43 4.97 12.49 -9.46
N PRO A 44 5.73 11.79 -8.63
CA PRO A 44 6.38 10.57 -9.12
C PRO A 44 5.39 9.49 -9.62
N VAL A 45 5.81 8.78 -10.60
CA VAL A 45 5.04 7.67 -11.16
C VAL A 45 5.80 6.40 -10.82
N LEU A 46 5.11 5.35 -10.35
CA LEU A 46 5.74 4.04 -10.14
C LEU A 46 6.24 3.42 -11.45
N PRO A 47 7.20 2.47 -11.29
CA PRO A 47 7.72 1.82 -12.52
C PRO A 47 6.61 1.16 -13.32
N ASN A 48 6.76 1.24 -14.64
CA ASN A 48 5.91 0.51 -15.53
C ASN A 48 6.13 -1.02 -15.47
N ARG A 49 5.07 -1.78 -15.30
CA ARG A 49 5.18 -3.27 -15.25
C ARG A 49 5.82 -3.80 -16.56
N VAL A 50 5.60 -3.09 -17.69
CA VAL A 50 6.05 -3.60 -19.01
C VAL A 50 7.60 -3.57 -19.09
N GLY A 51 8.21 -4.73 -19.22
CA GLY A 51 9.69 -4.80 -19.29
C GLY A 51 10.43 -4.70 -17.97
N LEU A 52 9.72 -4.60 -16.81
CA LEU A 52 10.41 -4.45 -15.60
C LEU A 52 11.07 -5.76 -15.14
N PRO A 53 12.38 -5.78 -14.94
CA PRO A 53 13.00 -7.06 -14.61
C PRO A 53 12.56 -7.58 -13.22
N ILE A 54 12.42 -8.90 -13.12
CA ILE A 54 11.95 -9.56 -11.85
C ILE A 54 12.81 -9.18 -10.63
N ASN A 55 14.10 -8.93 -10.79
CA ASN A 55 14.95 -8.57 -9.68
C ASN A 55 14.66 -7.17 -9.08
N GLN A 56 13.79 -6.41 -9.78
CA GLN A 56 13.51 -5.04 -9.33
C GLN A 56 12.01 -4.97 -9.03
N ARG A 57 11.32 -6.11 -9.00
CA ARG A 57 9.82 -6.07 -8.95
C ARG A 57 9.18 -5.86 -7.54
N PHE A 58 9.90 -6.22 -6.47
CA PHE A 58 9.34 -6.16 -5.10
C PHE A 58 10.21 -5.44 -4.13
N ILE A 59 9.55 -4.97 -3.04
CA ILE A 59 10.21 -4.54 -1.81
C ILE A 59 9.60 -5.27 -0.64
N LEU A 60 10.37 -5.33 0.42
CA LEU A 60 9.93 -6.06 1.67
C LEU A 60 9.76 -5.06 2.76
N VAL A 61 8.67 -5.24 3.53
CA VAL A 61 8.49 -4.39 4.69
C VAL A 61 8.40 -5.26 5.89
N GLU A 62 9.39 -5.09 6.79
CA GLU A 62 9.47 -5.99 7.95
C GLU A 62 8.83 -5.22 9.12
N LEU A 63 7.69 -5.74 9.59
CA LEU A 63 6.92 -5.12 10.68
C LEU A 63 7.25 -5.86 12.01
N SER A 64 7.52 -5.09 13.05
CA SER A 64 7.64 -5.70 14.36
C SER A 64 6.67 -4.96 15.27
N ASN A 65 6.45 -5.59 16.43
CA ASN A 65 5.46 -5.59 17.56
C ASN A 65 6.00 -5.20 18.86
N HIS A 66 5.21 -4.49 19.70
CA HIS A 66 5.59 -4.50 21.15
C HIS A 66 5.53 -5.91 21.71
N ALA A 67 4.72 -6.80 21.13
CA ALA A 67 4.66 -8.21 21.53
C ALA A 67 5.87 -8.98 21.15
N GLU A 68 6.85 -8.31 20.49
CA GLU A 68 8.08 -8.91 19.99
C GLU A 68 7.92 -9.90 18.84
N LEU A 69 6.93 -9.66 18.01
CA LEU A 69 6.66 -10.53 16.85
C LEU A 69 6.99 -9.74 15.63
N SER A 70 7.22 -10.48 14.56
CA SER A 70 7.66 -9.86 13.27
C SER A 70 6.98 -10.65 12.14
N VAL A 71 6.51 -9.86 11.18
CA VAL A 71 6.05 -10.36 9.91
C VAL A 71 6.64 -9.49 8.77
N THR A 72 6.83 -10.09 7.59
CA THR A 72 7.41 -9.35 6.49
C THR A 72 6.36 -9.30 5.35
N LEU A 73 5.94 -8.09 4.92
CA LEU A 73 5.03 -7.98 3.81
C LEU A 73 5.86 -7.76 2.52
N ALA A 74 5.35 -8.29 1.43
CA ALA A 74 5.96 -8.06 0.12
C ALA A 74 5.07 -7.14 -0.70
N LEU A 75 5.66 -6.03 -1.17
CA LEU A 75 4.90 -5.04 -2.01
C LEU A 75 5.45 -5.08 -3.43
N ASP A 76 4.55 -5.01 -4.34
CA ASP A 76 4.82 -4.90 -5.78
C ASP A 76 5.15 -3.43 -6.08
N VAL A 77 6.33 -3.17 -6.71
CA VAL A 77 6.69 -1.77 -6.92
C VAL A 77 5.84 -1.09 -7.97
N THR A 78 5.13 -1.85 -8.77
CA THR A 78 4.38 -1.22 -9.85
C THR A 78 3.14 -0.54 -9.32
N ASN A 79 2.64 -0.97 -8.15
CA ASN A 79 1.31 -0.40 -7.69
C ASN A 79 1.33 -0.32 -6.17
N ALA A 80 2.44 -0.66 -5.50
CA ALA A 80 2.51 -0.64 -4.01
C ALA A 80 1.52 -1.66 -3.35
N TYR A 81 1.01 -2.63 -4.13
CA TYR A 81 0.08 -3.61 -3.51
C TYR A 81 0.81 -4.60 -2.67
N VAL A 82 0.18 -4.94 -1.51
CA VAL A 82 0.74 -6.05 -0.71
C VAL A 82 0.34 -7.34 -1.42
N VAL A 83 1.32 -8.13 -1.84
CA VAL A 83 0.94 -9.36 -2.57
C VAL A 83 1.01 -10.57 -1.67
N GLY A 84 1.58 -10.46 -0.50
CA GLY A 84 1.68 -11.64 0.41
C GLY A 84 2.56 -11.30 1.59
N TYR A 85 2.80 -12.27 2.49
CA TYR A 85 3.61 -12.01 3.64
C TYR A 85 4.20 -13.27 4.18
N ARG A 86 5.26 -13.09 4.93
CA ARG A 86 5.96 -14.23 5.61
C ARG A 86 5.83 -14.00 7.13
N ALA A 87 5.51 -15.10 7.84
CA ALA A 87 5.58 -15.11 9.31
C ALA A 87 6.38 -16.42 9.63
N GLY A 88 7.63 -16.23 10.02
CA GLY A 88 8.49 -17.39 10.45
C GLY A 88 8.63 -18.36 9.28
N ASN A 89 8.17 -19.60 9.44
CA ASN A 89 8.27 -20.64 8.37
C ASN A 89 7.11 -20.79 7.43
N SER A 90 6.17 -19.83 7.39
CA SER A 90 5.12 -19.91 6.46
C SER A 90 5.08 -18.57 5.68
N ALA A 91 4.75 -18.69 4.40
CA ALA A 91 4.36 -17.50 3.59
C ALA A 91 2.99 -17.69 2.97
N TYR A 92 2.23 -16.61 2.75
CA TYR A 92 0.92 -16.59 2.23
C TYR A 92 0.88 -15.54 1.20
N PHE A 93 0.29 -15.85 0.07
CA PHE A 93 0.17 -14.91 -1.05
C PHE A 93 -1.22 -14.79 -1.45
N PHE A 94 -1.74 -13.63 -1.78
CA PHE A 94 -3.06 -13.48 -2.36
C PHE A 94 -3.15 -14.17 -3.76
N HIS A 95 -4.37 -14.60 -4.11
CA HIS A 95 -4.48 -15.28 -5.42
C HIS A 95 -4.07 -14.32 -6.51
N PRO A 96 -3.14 -14.82 -7.36
CA PRO A 96 -2.68 -13.85 -8.44
C PRO A 96 -3.75 -13.57 -9.48
N ASP A 97 -3.66 -12.38 -10.00
CA ASP A 97 -4.50 -11.86 -11.01
C ASP A 97 -4.22 -12.40 -12.42
N ASN A 98 -3.03 -12.86 -12.64
CA ASN A 98 -2.68 -13.37 -13.99
C ASN A 98 -1.46 -14.23 -13.87
N GLN A 99 -1.14 -14.95 -14.98
CA GLN A 99 0.01 -15.78 -14.92
C GLN A 99 1.34 -15.13 -14.62
N GLU A 100 1.58 -13.95 -15.22
CA GLU A 100 2.86 -13.29 -14.97
C GLU A 100 3.03 -12.94 -13.44
N ASP A 101 1.92 -12.51 -12.82
CA ASP A 101 2.00 -12.29 -11.38
C ASP A 101 2.20 -13.57 -10.56
N ALA A 102 1.51 -14.62 -11.00
CA ALA A 102 1.84 -15.92 -10.37
C ALA A 102 3.31 -16.36 -10.42
N GLU A 103 3.98 -16.17 -11.60
CA GLU A 103 5.37 -16.48 -11.66
C GLU A 103 6.25 -15.59 -10.81
N ALA A 104 5.89 -14.27 -10.86
CA ALA A 104 6.65 -13.30 -10.07
C ALA A 104 6.70 -13.64 -8.59
N ILE A 105 5.56 -14.09 -8.07
CA ILE A 105 5.47 -14.37 -6.68
C ILE A 105 6.29 -15.61 -6.26
N THR A 106 6.68 -16.48 -7.24
CA THR A 106 7.66 -17.50 -6.89
C THR A 106 9.07 -17.09 -6.55
N HIS A 107 9.38 -15.79 -6.81
CA HIS A 107 10.60 -15.18 -6.48
C HIS A 107 10.71 -14.56 -5.08
N LEU A 108 9.60 -14.67 -4.31
CA LEU A 108 9.51 -14.15 -2.95
C LEU A 108 9.66 -15.24 -1.89
N PHE A 109 10.38 -14.95 -0.83
CA PHE A 109 10.40 -15.83 0.39
C PHE A 109 10.73 -17.27 -0.06
N THR A 110 11.74 -17.34 -0.89
CA THR A 110 12.00 -18.61 -1.66
C THR A 110 12.43 -19.78 -0.77
N ASP A 111 12.94 -19.52 0.42
CA ASP A 111 13.33 -20.66 1.29
C ASP A 111 12.43 -20.89 2.51
N VAL A 112 11.24 -20.27 2.50
CA VAL A 112 10.28 -20.60 3.53
C VAL A 112 9.84 -22.06 3.36
N GLN A 113 9.75 -22.75 4.49
CA GLN A 113 9.31 -24.13 4.55
C GLN A 113 7.97 -24.35 3.89
N ASN A 114 6.93 -23.54 4.22
CA ASN A 114 5.61 -23.74 3.82
C ASN A 114 5.02 -22.53 3.06
N ARG A 115 4.55 -22.75 1.85
CA ARG A 115 4.09 -21.68 0.94
C ARG A 115 2.65 -21.91 0.59
N TYR A 116 1.79 -20.92 0.74
CA TYR A 116 0.44 -21.04 0.46
C TYR A 116 0.03 -19.90 -0.35
N THR A 117 -0.83 -20.15 -1.30
CA THR A 117 -1.56 -19.18 -2.06
C THR A 117 -2.98 -19.24 -1.67
N PHE A 118 -3.49 -18.16 -1.13
CA PHE A 118 -4.94 -18.09 -0.87
C PHE A 118 -5.79 -18.25 -2.04
N ALA A 119 -6.97 -18.86 -1.86
CA ALA A 119 -7.84 -18.94 -2.97
C ALA A 119 -8.57 -17.69 -3.42
N PHE A 120 -8.43 -16.60 -2.60
CA PHE A 120 -9.10 -15.29 -2.79
C PHE A 120 -8.02 -14.25 -3.16
N GLY A 121 -8.50 -13.29 -3.91
CA GLY A 121 -7.61 -12.08 -4.18
C GLY A 121 -7.57 -11.19 -2.97
N GLY A 122 -6.62 -10.26 -3.04
CA GLY A 122 -6.38 -9.32 -1.92
C GLY A 122 -6.97 -7.93 -2.19
N ASN A 123 -7.94 -7.66 -3.08
CA ASN A 123 -8.56 -6.36 -3.29
C ASN A 123 -9.44 -6.00 -2.09
N TYR A 124 -9.68 -4.71 -1.85
CA TYR A 124 -10.45 -4.31 -0.68
C TYR A 124 -11.85 -4.98 -0.67
N ASP A 125 -12.49 -5.09 -1.82
CA ASP A 125 -13.91 -5.61 -1.76
C ASP A 125 -13.87 -7.05 -1.23
N ARG A 126 -12.96 -7.89 -1.71
CA ARG A 126 -12.88 -9.26 -1.25
C ARG A 126 -12.51 -9.31 0.25
N LEU A 127 -11.57 -8.45 0.63
CA LEU A 127 -11.13 -8.51 2.02
C LEU A 127 -12.19 -7.98 2.96
N GLU A 128 -12.96 -6.98 2.55
CA GLU A 128 -14.08 -6.48 3.36
C GLU A 128 -15.11 -7.62 3.51
N GLN A 129 -15.37 -8.35 2.44
CA GLN A 129 -16.39 -9.45 2.56
C GLN A 129 -15.85 -10.43 3.58
N LEU A 130 -14.58 -10.85 3.51
CA LEU A 130 -14.02 -11.79 4.44
C LEU A 130 -14.03 -11.24 5.85
N ALA A 131 -13.76 -9.94 5.98
CA ALA A 131 -13.70 -9.38 7.36
C ALA A 131 -15.07 -9.19 7.98
N GLY A 132 -16.10 -9.21 7.16
CA GLY A 132 -17.45 -8.86 7.66
C GLY A 132 -17.55 -7.41 8.08
N ASN A 133 -16.65 -6.54 7.55
CA ASN A 133 -16.77 -5.13 7.82
C ASN A 133 -16.13 -4.33 6.66
N LEU A 134 -16.70 -3.17 6.39
CA LEU A 134 -16.15 -2.20 5.39
C LEU A 134 -14.97 -1.43 6.03
N ARG A 135 -14.08 -0.92 5.15
CA ARG A 135 -13.04 0.01 5.61
C ARG A 135 -13.61 1.08 6.55
N GLU A 136 -14.77 1.64 6.23
CA GLU A 136 -15.27 2.72 7.06
C GLU A 136 -15.62 2.36 8.51
N ASN A 137 -15.71 1.08 8.76
CA ASN A 137 -15.92 0.56 10.14
C ASN A 137 -14.76 -0.15 10.75
N ILE A 138 -13.54 -0.02 10.15
CA ILE A 138 -12.33 -0.63 10.69
C ILE A 138 -11.34 0.44 11.16
N GLU A 139 -11.18 0.55 12.48
CA GLU A 139 -10.28 1.58 13.04
C GLU A 139 -8.83 1.33 12.63
N LEU A 140 -8.21 2.46 12.37
CA LEU A 140 -6.75 2.51 12.00
C LEU A 140 -5.98 3.26 13.07
N GLY A 141 -4.66 3.06 13.09
CA GLY A 141 -3.77 3.72 14.00
C GLY A 141 -2.71 2.74 14.49
N ASN A 142 -1.96 3.18 15.47
CA ASN A 142 -0.86 2.33 15.95
C ASN A 142 -1.35 1.11 16.70
N GLY A 143 -2.41 1.24 17.50
CA GLY A 143 -3.01 0.08 18.18
C GLY A 143 -3.51 -0.98 17.22
N PRO A 144 -4.29 -0.55 16.20
CA PRO A 144 -4.76 -1.51 15.16
C PRO A 144 -3.57 -2.17 14.47
N LEU A 145 -2.53 -1.42 14.14
CA LEU A 145 -1.37 -2.03 13.43
C LEU A 145 -0.66 -3.06 14.28
N GLU A 146 -0.44 -2.67 15.56
CA GLU A 146 0.21 -3.63 16.53
C GLU A 146 -0.61 -4.90 16.59
N GLU A 147 -1.92 -4.80 16.65
CA GLU A 147 -2.84 -5.97 16.76
C GLU A 147 -2.77 -6.76 15.45
N ALA A 148 -2.70 -6.03 14.31
CA ALA A 148 -2.71 -6.71 13.00
C ALA A 148 -1.42 -7.51 12.85
N ILE A 149 -0.26 -7.03 13.33
CA ILE A 149 0.99 -7.73 13.19
C ILE A 149 0.88 -9.05 13.97
N SER A 150 0.34 -8.97 15.19
CA SER A 150 0.19 -10.26 15.90
C SER A 150 -0.78 -11.22 15.22
N ALA A 151 -1.87 -10.71 14.65
CA ALA A 151 -2.90 -11.57 13.99
C ALA A 151 -2.19 -12.23 12.79
N LEU A 152 -1.40 -11.48 12.01
CA LEU A 152 -0.79 -12.15 10.84
C LEU A 152 0.19 -13.20 11.35
N TYR A 153 0.93 -12.90 12.39
CA TYR A 153 1.97 -13.78 12.86
C TYR A 153 1.29 -15.14 13.34
N TYR A 154 0.16 -15.06 14.02
CA TYR A 154 -0.48 -16.30 14.60
C TYR A 154 -1.31 -17.06 13.60
N TYR A 155 -1.41 -16.63 12.33
CA TYR A 155 -2.38 -17.28 11.45
C TYR A 155 -2.14 -18.84 11.15
N SER A 156 -0.91 -19.18 10.95
CA SER A 156 -0.28 -20.54 10.77
C SER A 156 -0.88 -21.53 11.72
N THR A 157 -1.02 -21.06 12.96
CA THR A 157 -1.27 -21.95 14.11
C THR A 157 -2.73 -22.04 14.48
N GLY A 158 -3.59 -21.38 13.75
CA GLY A 158 -5.01 -21.41 14.01
C GLY A 158 -5.52 -20.45 15.01
N GLY A 159 -4.60 -19.59 15.47
CA GLY A 159 -4.91 -18.54 16.44
C GLY A 159 -5.79 -17.44 15.90
N THR A 160 -5.63 -17.21 14.58
CA THR A 160 -6.31 -16.10 13.98
C THR A 160 -7.39 -16.54 13.06
N GLN A 161 -8.63 -16.09 13.25
CA GLN A 161 -9.79 -16.46 12.46
C GLN A 161 -9.64 -15.76 11.11
N LEU A 162 -10.19 -16.33 10.03
CA LEU A 162 -10.09 -15.63 8.73
C LEU A 162 -10.63 -14.20 8.75
N PRO A 163 -11.79 -13.89 9.40
CA PRO A 163 -12.27 -12.56 9.37
C PRO A 163 -11.21 -11.64 10.03
N THR A 164 -10.55 -12.07 11.09
CA THR A 164 -9.55 -11.21 11.76
C THR A 164 -8.27 -11.09 10.87
N LEU A 165 -7.86 -12.12 10.16
CA LEU A 165 -6.77 -11.99 9.22
C LEU A 165 -7.11 -10.95 8.09
N ALA A 166 -8.32 -10.99 7.52
CA ALA A 166 -8.74 -10.03 6.47
C ALA A 166 -8.76 -8.62 6.98
N ARG A 167 -9.24 -8.43 8.22
CA ARG A 167 -9.31 -7.10 8.78
C ARG A 167 -7.89 -6.63 8.99
N SER A 168 -6.98 -7.49 9.39
CA SER A 168 -5.54 -7.18 9.66
C SER A 168 -4.88 -6.72 8.35
N PHE A 169 -5.21 -7.41 7.25
CA PHE A 169 -4.62 -6.98 5.96
C PHE A 169 -5.15 -5.60 5.63
N ILE A 170 -6.47 -5.34 5.77
CA ILE A 170 -7.08 -4.04 5.52
C ILE A 170 -6.32 -2.90 6.30
N ILE A 171 -5.97 -3.22 7.57
CA ILE A 171 -5.21 -2.22 8.36
C ILE A 171 -3.83 -2.00 7.77
N CYS A 172 -3.12 -3.08 7.45
CA CYS A 172 -1.79 -2.91 6.95
C CYS A 172 -1.73 -2.19 5.61
N ILE A 173 -2.65 -2.57 4.71
CA ILE A 173 -2.62 -1.95 3.38
C ILE A 173 -2.84 -0.45 3.50
N GLN A 174 -3.76 0.03 4.40
CA GLN A 174 -4.01 1.44 4.39
C GLN A 174 -2.89 2.17 5.14
N MET A 175 -2.31 1.56 6.14
CA MET A 175 -1.31 2.28 6.89
C MET A 175 0.05 2.24 6.24
N ILE A 176 0.26 1.38 5.26
CA ILE A 176 1.55 1.30 4.57
C ILE A 176 1.37 1.70 3.11
N SER A 177 0.64 0.89 2.32
CA SER A 177 0.50 1.20 0.85
C SER A 177 -0.25 2.51 0.60
N GLU A 178 -1.39 2.71 1.27
CA GLU A 178 -2.13 3.92 0.98
C GLU A 178 -1.46 5.17 1.53
N ALA A 179 -0.77 5.05 2.67
CA ALA A 179 0.06 6.15 3.11
C ALA A 179 1.21 6.50 2.20
N ALA A 180 1.84 5.48 1.60
CA ALA A 180 2.86 5.72 0.59
C ALA A 180 2.27 6.44 -0.64
N ARG A 181 1.06 6.01 -1.05
CA ARG A 181 0.46 6.61 -2.22
C ARG A 181 0.07 8.08 -1.99
N PHE A 182 -0.40 8.42 -0.80
CA PHE A 182 -1.08 9.69 -0.57
C PHE A 182 -0.44 10.37 0.63
N GLN A 183 0.19 11.51 0.43
CA GLN A 183 0.59 12.30 1.67
C GLN A 183 -0.58 12.60 2.53
N TYR A 184 -1.80 12.79 1.97
CA TYR A 184 -2.91 13.06 2.82
C TYR A 184 -3.20 11.91 3.79
N ILE A 185 -3.07 10.64 3.32
CA ILE A 185 -3.37 9.50 4.16
C ILE A 185 -2.19 9.26 5.12
N GLU A 186 -0.97 9.51 4.74
CA GLU A 186 0.16 9.51 5.68
C GLU A 186 -0.15 10.48 6.82
N GLY A 187 -0.65 11.65 6.45
CA GLY A 187 -0.94 12.69 7.53
C GLY A 187 -2.05 12.23 8.43
N GLU A 188 -3.09 11.56 7.90
CA GLU A 188 -4.14 11.02 8.74
C GLU A 188 -3.62 9.98 9.73
N MET A 189 -2.69 9.13 9.27
CA MET A 189 -2.12 8.13 10.18
C MET A 189 -1.20 8.82 11.16
N ARG A 190 -0.44 9.84 10.77
CA ARG A 190 0.46 10.57 11.73
C ARG A 190 -0.48 11.10 12.84
N THR A 191 -1.63 11.71 12.53
CA THR A 191 -2.52 12.24 13.60
C THR A 191 -2.90 11.12 14.59
N ARG A 192 -3.27 9.91 14.11
CA ARG A 192 -3.75 8.86 14.96
C ARG A 192 -2.53 8.43 15.83
N ILE A 193 -1.31 8.40 15.25
CA ILE A 193 -0.14 7.93 16.03
C ILE A 193 0.24 8.99 17.06
N ARG A 194 0.19 10.25 16.71
CA ARG A 194 0.64 11.38 17.64
C ARG A 194 -0.23 11.27 18.89
N TYR A 195 -1.52 11.15 18.75
CA TYR A 195 -2.47 11.17 19.92
C TYR A 195 -2.74 9.79 20.48
N ASN A 196 -2.19 8.71 19.86
CA ASN A 196 -2.51 7.33 20.21
C ASN A 196 -3.99 7.06 20.31
N ARG A 197 -4.72 7.53 19.30
CA ARG A 197 -6.16 7.38 19.21
C ARG A 197 -6.61 6.74 17.89
N ARG A 198 -7.01 5.49 17.99
CA ARG A 198 -7.44 4.84 16.77
C ARG A 198 -8.78 5.37 16.30
N SER A 199 -8.97 5.39 14.99
CA SER A 199 -10.26 5.78 14.43
C SER A 199 -10.38 5.26 12.99
N ALA A 200 -11.64 4.98 12.59
CA ALA A 200 -11.89 4.54 11.22
C ALA A 200 -11.64 5.68 10.25
N PRO A 201 -11.26 5.34 9.00
CA PRO A 201 -11.04 6.42 8.03
C PRO A 201 -12.35 7.16 7.59
N ASP A 202 -12.25 8.45 7.44
CA ASP A 202 -13.40 9.26 7.05
C ASP A 202 -13.52 9.27 5.53
N PRO A 203 -14.58 9.89 4.97
CA PRO A 203 -14.77 9.85 3.51
C PRO A 203 -13.67 10.47 2.73
N SER A 204 -12.90 11.43 3.25
CA SER A 204 -11.76 11.96 2.48
C SER A 204 -10.77 10.84 2.24
N VAL A 205 -10.46 10.04 3.26
CA VAL A 205 -9.52 8.92 3.02
C VAL A 205 -10.08 7.85 2.10
N ILE A 206 -11.34 7.43 2.32
CA ILE A 206 -11.93 6.38 1.50
C ILE A 206 -12.03 6.80 0.02
N THR A 207 -12.45 8.06 -0.21
CA THR A 207 -12.62 8.46 -1.66
C THR A 207 -11.30 8.59 -2.38
N LEU A 208 -10.23 8.92 -1.63
CA LEU A 208 -8.94 8.95 -2.30
C LEU A 208 -8.48 7.50 -2.61
N GLU A 209 -8.58 6.54 -1.65
CA GLU A 209 -8.26 5.13 -1.90
C GLU A 209 -9.05 4.63 -3.15
N ASN A 210 -10.35 4.97 -3.15
CA ASN A 210 -11.16 4.41 -4.20
C ASN A 210 -10.83 4.99 -5.55
N SER A 211 -10.15 6.13 -5.60
CA SER A 211 -9.97 6.90 -6.87
C SER A 211 -8.51 6.90 -7.30
N TRP A 212 -7.64 6.13 -6.67
CA TRP A 212 -6.17 6.33 -7.01
C TRP A 212 -5.88 6.07 -8.47
N GLY A 213 -6.44 5.02 -9.03
CA GLY A 213 -6.21 4.75 -10.44
C GLY A 213 -6.84 5.79 -11.34
N ARG A 214 -8.06 6.26 -11.06
CA ARG A 214 -8.69 7.32 -11.86
C ARG A 214 -7.93 8.62 -11.79
N LEU A 215 -7.44 8.99 -10.60
CA LEU A 215 -6.68 10.18 -10.45
C LEU A 215 -5.33 10.03 -11.22
N SER A 216 -4.68 8.89 -11.12
CA SER A 216 -3.39 8.69 -11.83
C SER A 216 -3.64 8.86 -13.31
N THR A 217 -4.72 8.26 -13.82
CA THR A 217 -4.98 8.33 -15.28
C THR A 217 -5.38 9.77 -15.67
N ALA A 218 -6.20 10.43 -14.88
CA ALA A 218 -6.61 11.84 -15.17
C ALA A 218 -5.39 12.79 -15.27
N ILE A 219 -4.45 12.60 -14.29
CA ILE A 219 -3.24 13.44 -14.31
C ILE A 219 -2.42 13.13 -15.54
N GLN A 220 -2.23 11.85 -15.83
CA GLN A 220 -1.35 11.46 -16.93
C GLN A 220 -1.91 11.83 -18.32
N GLU A 221 -3.26 11.77 -18.42
CA GLU A 221 -3.91 12.14 -19.69
C GLU A 221 -4.25 13.60 -19.75
N SER A 222 -3.93 14.40 -18.73
CA SER A 222 -4.37 15.81 -18.73
C SER A 222 -3.72 16.63 -19.82
N ASN A 223 -4.39 17.77 -20.09
CA ASN A 223 -3.81 18.70 -21.04
C ASN A 223 -3.10 19.77 -20.18
N GLN A 224 -1.77 19.63 -20.07
CA GLN A 224 -0.99 20.63 -19.25
C GLN A 224 -1.44 20.70 -17.82
N GLY A 225 -2.04 19.58 -17.32
CA GLY A 225 -2.50 19.53 -15.93
C GLY A 225 -4.01 19.57 -15.78
N ALA A 226 -4.71 20.06 -16.80
CA ALA A 226 -6.16 20.22 -16.78
C ALA A 226 -6.91 18.95 -17.13
N PHE A 227 -7.84 18.54 -16.30
CA PHE A 227 -8.55 17.30 -16.55
C PHE A 227 -9.62 17.55 -17.63
N ALA A 228 -9.75 16.56 -18.53
CA ALA A 228 -10.91 16.67 -19.48
C ALA A 228 -12.24 16.52 -18.79
N SER A 229 -12.28 15.70 -17.72
CA SER A 229 -13.46 15.40 -16.96
C SER A 229 -13.14 15.52 -15.51
N PRO A 230 -13.80 16.36 -14.76
CA PRO A 230 -13.54 16.44 -13.31
C PRO A 230 -13.74 15.14 -12.59
N ILE A 231 -13.02 15.00 -11.50
CA ILE A 231 -13.24 13.81 -10.62
C ILE A 231 -13.82 14.29 -9.31
N GLN A 232 -14.88 13.58 -8.79
CA GLN A 232 -15.46 14.00 -7.55
C GLN A 232 -14.94 13.15 -6.40
N LEU A 233 -14.42 13.87 -5.42
CA LEU A 233 -14.00 13.26 -4.14
C LEU A 233 -14.88 13.75 -3.02
N GLN A 234 -14.65 13.31 -1.79
CA GLN A 234 -15.41 13.78 -0.65
C GLN A 234 -14.49 14.42 0.34
N ARG A 235 -14.98 15.49 0.98
CA ARG A 235 -14.29 16.03 2.13
C ARG A 235 -14.59 15.12 3.38
N ARG A 236 -13.88 15.46 4.47
CA ARG A 236 -14.15 14.79 5.76
C ARG A 236 -15.58 14.62 6.20
N ASN A 237 -16.36 15.70 6.08
CA ASN A 237 -17.71 15.64 6.43
C ASN A 237 -18.59 15.02 5.37
N GLY A 238 -18.01 14.40 4.30
CA GLY A 238 -18.85 13.74 3.27
C GLY A 238 -19.28 14.63 2.08
N SER A 239 -19.04 15.94 2.19
CA SER A 239 -19.49 16.83 1.11
C SER A 239 -18.61 16.64 -0.11
N LYS A 240 -19.18 16.86 -1.30
CA LYS A 240 -18.47 16.74 -2.60
C LYS A 240 -17.32 17.75 -2.80
N PHE A 241 -16.19 17.29 -3.32
CA PHE A 241 -15.05 18.13 -3.65
C PHE A 241 -14.69 17.80 -5.09
N SER A 242 -14.83 18.79 -6.01
CA SER A 242 -14.49 18.52 -7.40
C SER A 242 -13.05 18.85 -7.69
N VAL A 243 -12.38 17.90 -8.37
CA VAL A 243 -10.94 18.05 -8.75
C VAL A 243 -10.92 18.30 -10.28
N TYR A 244 -10.37 19.44 -10.70
CA TYR A 244 -10.32 19.79 -12.10
C TYR A 244 -8.92 19.81 -12.67
N ASP A 245 -7.91 19.66 -11.81
CA ASP A 245 -6.52 19.91 -12.23
C ASP A 245 -5.61 19.21 -11.27
N VAL A 246 -4.45 18.91 -11.79
CA VAL A 246 -3.44 18.31 -10.93
C VAL A 246 -2.95 19.22 -9.83
N SER A 247 -3.06 20.53 -9.99
CA SER A 247 -2.46 21.43 -9.01
C SER A 247 -2.95 21.17 -7.61
N ILE A 248 -4.23 20.86 -7.43
CA ILE A 248 -4.83 20.77 -6.07
C ILE A 248 -4.33 19.42 -5.48
N LEU A 249 -3.83 18.54 -6.32
CA LEU A 249 -3.51 17.19 -5.83
C LEU A 249 -2.00 17.12 -5.44
N ILE A 250 -1.18 18.12 -5.78
CA ILE A 250 0.26 18.06 -5.43
C ILE A 250 0.51 17.84 -3.91
N PRO A 251 -0.22 18.46 -2.99
CA PRO A 251 -0.03 18.18 -1.60
C PRO A 251 -0.64 16.87 -1.12
N ILE A 252 -1.42 16.20 -1.98
CA ILE A 252 -2.32 15.09 -1.58
C ILE A 252 -1.81 13.76 -2.06
N ILE A 253 -1.42 13.64 -3.32
CA ILE A 253 -0.97 12.37 -3.89
C ILE A 253 0.54 12.40 -4.01
N ALA A 254 1.13 11.34 -3.48
CA ALA A 254 2.58 11.20 -3.50
C ALA A 254 3.13 10.37 -4.57
N LEU A 255 2.38 9.40 -5.09
CA LEU A 255 2.82 8.47 -6.10
C LEU A 255 1.64 8.08 -6.97
N MET A 256 1.84 7.96 -8.26
CA MET A 256 0.80 7.44 -9.21
C MET A 256 1.16 6.08 -9.73
N VAL A 257 0.19 5.33 -10.15
CA VAL A 257 0.43 4.07 -10.90
C VAL A 257 0.63 4.49 -12.37
N TYR A 258 1.50 3.79 -13.08
CA TYR A 258 1.74 4.10 -14.50
C TYR A 258 0.47 3.75 -15.31
N ARG A 259 -0.01 4.71 -16.09
CA ARG A 259 -1.27 4.51 -16.87
C ARG A 259 -1.02 4.77 -18.32
N CYS A 260 -0.26 5.80 -18.62
CA CYS A 260 0.08 6.05 -20.06
C CYS A 260 1.46 6.59 -20.16
N ALA A 261 2.03 6.56 -21.37
CA ALA A 261 3.26 7.28 -21.61
C ALA A 261 3.13 8.82 -21.50
N PRO A 262 4.18 9.54 -21.00
CA PRO A 262 4.12 11.02 -20.93
C PRO A 262 4.30 11.51 -22.38
N PRO A 263 3.39 12.33 -22.82
CA PRO A 263 3.50 12.80 -24.20
C PRO A 263 4.77 13.68 -24.35
N PRO A 264 5.23 13.84 -25.59
CA PRO A 264 6.33 14.81 -25.81
C PRO A 264 5.94 16.19 -25.28
N SER A 265 6.90 16.87 -24.65
CA SER A 265 6.83 18.25 -24.07
C SER A 265 7.14 18.43 -22.53
N SER A 266 7.73 17.43 -21.82
CA SER A 266 7.84 17.53 -20.32
C SER A 266 9.10 17.23 -19.41
N GLN A 267 9.64 15.99 -19.30
CA GLN A 267 10.82 15.75 -18.34
C GLN A 267 12.22 16.19 -18.90
N PHE A 268 12.13 17.00 -19.93
CA PHE A 268 13.29 17.56 -20.57
C PHE A 268 13.32 19.10 -20.49
#